data_9N9X
#
_entry.id   9N9X
#
_cell.length_a   45.120
_cell.length_b   75.870
_cell.length_c   86.060
_cell.angle_alpha   90.00
_cell.angle_beta   99.48
_cell.angle_gamma   90.00
#
_symmetry.space_group_name_H-M   'P 1 21 1'
#
loop_
_entity.id
_entity.type
_entity.pdbx_description
1 polymer 'Mitogen-activated protein kinase kinase kinase kinase 1'
2 non-polymer 1,2-ETHANEDIOL
3 non-polymer '(1R,2S)-2-cyanocyclopentyl [(6P)-8-amino-7-fluoro-6-(8-methyl-2,3-dihydro-1H-pyrido[2,3-b][1,4]oxazin-7-yl)isoquinolin-3-yl]carbamate'
4 non-polymer 'SODIUM ION'
5 water water
#
_entity_poly.entity_id   1
_entity_poly.type   'polypeptide(L)'
_entity_poly.pdbx_seq_one_letter_code
;MHHHHHHGENLYFQGSDVVDPDIFNRDPRDHYDLLQRLGGGTYGEVFKARDKVSGDLVALKMVKMEPDDDVSTLQKEILI
LKTCRHANIVAYHGSYLWLQKLWICMEFCGAGSLQDIYQVTGSLSELQISYVCREVLQGLAYLHSQKKIHRDIKGANILI
NDAGEVRLADFGISAQIGAELARRLEFIGTPYWMAPEVAAVALKGGYNELCDIWSLGITAIELAELQPPLFDVHPLRVLF
LMTKSGYQPPRLKEKGKWSAAFHNFIKVTLTKSPKKRPSATKMLSHQLVSQPGLNRGLILDLLDKLKNGNS
;
_entity_poly.pdbx_strand_id   A,B
#
loop_
_chem_comp.id
_chem_comp.type
_chem_comp.name
_chem_comp.formula
A1BWL non-polymer '(1R,2S)-2-cyanocyclopentyl [(6P)-8-amino-7-fluoro-6-(8-methyl-2,3-dihydro-1H-pyrido[2,3-b][1,4]oxazin-7-yl)isoquinolin-3-yl]carbamate' 'C24 H23 F N6 O3'
EDO non-polymer 1,2-ETHANEDIOL 'C2 H6 O2'
NA non-polymer 'SODIUM ION' 'Na 1'
#
# COMPACT_ATOMS: atom_id res chain seq x y z
N PRO A 21 2.07 -8.49 33.63
CA PRO A 21 3.22 -7.58 33.49
C PRO A 21 2.96 -6.19 34.06
N ASP A 22 1.85 -6.04 34.78
CA ASP A 22 1.49 -4.82 35.48
C ASP A 22 1.46 -3.63 34.50
N ILE A 23 0.57 -3.71 33.51
CA ILE A 23 0.12 -2.53 32.82
C ILE A 23 -0.76 -1.75 33.78
N PHE A 24 -0.34 -0.53 34.12
CA PHE A 24 -1.07 0.30 35.08
C PHE A 24 -2.35 0.79 34.42
N ASN A 25 -3.47 0.67 35.15
CA ASN A 25 -4.74 1.22 34.69
C ASN A 25 -4.92 2.59 35.33
N ARG A 26 -4.03 3.52 34.97
CA ARG A 26 -4.01 4.87 35.52
C ARG A 26 -3.63 5.86 34.43
N ASP A 27 -4.13 7.09 34.57
CA ASP A 27 -3.71 8.21 33.75
C ASP A 27 -2.21 8.41 33.97
N PRO A 28 -1.35 8.34 32.93
CA PRO A 28 0.08 8.58 33.10
C PRO A 28 0.40 9.99 33.57
N ARG A 29 -0.54 10.92 33.29
CA ARG A 29 -0.48 12.30 33.78
C ARG A 29 -0.34 12.34 35.30
N ASP A 30 -0.85 11.31 35.99
CA ASP A 30 -0.73 11.22 37.45
C ASP A 30 0.74 11.34 37.86
N HIS A 31 1.64 10.74 37.08
CA HIS A 31 3.01 10.52 37.51
C HIS A 31 4.02 11.36 36.71
N TYR A 32 3.60 11.91 35.57
CA TYR A 32 4.53 12.52 34.62
C TYR A 32 3.99 13.84 34.08
N ASP A 33 4.89 14.82 33.91
CA ASP A 33 4.55 16.05 33.22
C ASP A 33 5.14 16.04 31.81
N LEU A 34 4.26 16.10 30.82
CA LEU A 34 4.63 16.23 29.41
C LEU A 34 5.32 17.57 29.16
N LEU A 35 6.48 17.53 28.48
CA LEU A 35 7.34 18.69 28.31
C LEU A 35 7.43 19.09 26.84
N GLN A 36 7.62 18.12 25.95
CA GLN A 36 7.90 18.40 24.55
C GLN A 36 7.55 17.19 23.69
N ARG A 37 6.82 17.42 22.60
CA ARG A 37 6.57 16.38 21.59
C ARG A 37 7.84 16.14 20.77
N LEU A 38 8.10 14.87 20.44
CA LEU A 38 9.32 14.47 19.76
C LEU A 38 9.00 13.99 18.36
N GLY A 39 9.81 14.44 17.37
CA GLY A 39 9.89 13.80 16.07
C GLY A 39 9.21 14.58 14.95
N GLY A 40 8.29 15.49 15.32
CA GLY A 40 7.49 16.20 14.33
C GLY A 40 6.60 15.28 13.52
N GLY A 41 5.97 14.30 14.17
CA GLY A 41 4.99 13.44 13.51
C GLY A 41 5.56 12.10 13.06
N THR A 42 6.86 12.05 12.74
CA THR A 42 7.46 10.84 12.20
C THR A 42 7.52 9.75 13.28
N TYR A 43 7.48 10.15 14.55
CA TYR A 43 7.46 9.23 15.67
C TYR A 43 6.04 9.07 16.22
N GLY A 44 5.03 9.52 15.47
CA GLY A 44 3.67 9.56 15.99
C GLY A 44 3.57 10.47 17.22
N GLU A 45 2.92 9.97 18.29
CA GLU A 45 2.74 10.75 19.49
C GLU A 45 3.72 10.25 20.56
N VAL A 46 4.88 10.91 20.61
CA VAL A 46 5.92 10.59 21.59
C VAL A 46 6.28 11.89 22.31
N PHE A 47 6.49 11.78 23.62
CA PHE A 47 6.71 12.95 24.45
C PHE A 47 7.91 12.73 25.35
N LYS A 48 8.72 13.79 25.48
CA LYS A 48 9.64 13.96 26.59
C LYS A 48 8.83 14.35 27.83
N ALA A 49 9.01 13.58 28.92
CA ALA A 49 8.22 13.79 30.13
C ALA A 49 9.12 13.67 31.36
N ARG A 50 8.67 14.28 32.46
CA ARG A 50 9.42 14.29 33.71
C ARG A 50 8.58 13.62 34.81
N ASP A 51 9.15 12.57 35.42
CA ASP A 51 8.54 11.95 36.58
C ASP A 51 8.35 13.01 37.66
N LYS A 52 7.18 13.00 38.32
CA LYS A 52 6.85 14.02 39.31
C LYS A 52 7.58 13.72 40.62
N VAL A 53 7.64 12.44 41.01
CA VAL A 53 8.21 12.06 42.30
C VAL A 53 9.72 12.20 42.23
N SER A 54 10.37 11.39 41.38
CA SER A 54 11.76 11.61 41.03
C SER A 54 11.82 12.80 40.07
N GLY A 55 13.02 13.23 39.69
CA GLY A 55 13.16 14.32 38.73
C GLY A 55 13.42 13.81 37.31
N ASP A 56 13.20 12.51 37.09
CA ASP A 56 13.77 11.80 35.96
C ASP A 56 13.00 12.09 34.68
N LEU A 57 13.72 12.08 33.56
CA LEU A 57 13.12 12.26 32.24
C LEU A 57 12.81 10.89 31.64
N VAL A 58 11.85 10.86 30.72
CA VAL A 58 11.45 9.64 30.04
C VAL A 58 10.98 9.99 28.64
N ALA A 59 10.77 8.95 27.84
CA ALA A 59 9.99 9.02 26.62
C ALA A 59 8.68 8.30 26.86
N LEU A 60 7.57 9.02 26.67
CA LEU A 60 6.23 8.45 26.74
C LEU A 60 5.65 8.40 25.33
N LYS A 61 5.53 7.19 24.78
CA LYS A 61 4.87 7.02 23.50
C LYS A 61 3.41 6.63 23.74
N MET A 62 2.51 7.31 23.02
CA MET A 62 1.08 7.13 23.20
C MET A 62 0.54 6.43 21.96
N VAL A 63 0.21 5.13 22.11
CA VAL A 63 -0.43 4.35 21.05
C VAL A 63 -1.94 4.37 21.26
N LYS A 64 -2.68 4.96 20.31
CA LYS A 64 -4.14 4.97 20.38
C LYS A 64 -4.64 3.54 20.27
N MET A 65 -5.63 3.20 21.11
CA MET A 65 -6.15 1.85 21.23
C MET A 65 -7.56 1.82 20.66
N GLU A 66 -7.80 0.92 19.69
CA GLU A 66 -9.13 0.66 19.19
C GLU A 66 -9.87 -0.27 20.16
N PRO A 67 -11.22 -0.24 20.20
CA PRO A 67 -11.99 -1.25 20.92
C PRO A 67 -11.65 -2.69 20.51
N ASP A 68 -11.33 -2.90 19.23
CA ASP A 68 -11.05 -4.22 18.69
C ASP A 68 -9.74 -4.78 19.27
N ASP A 69 -8.77 -3.90 19.54
CA ASP A 69 -7.50 -4.29 20.10
C ASP A 69 -7.72 -4.95 21.46
N ASP A 70 -7.30 -6.21 21.58
CA ASP A 70 -7.56 -7.01 22.77
C ASP A 70 -6.47 -6.72 23.81
N VAL A 71 -6.91 -6.48 25.05
CA VAL A 71 -6.05 -6.01 26.12
C VAL A 71 -5.21 -7.16 26.67
N SER A 72 -5.65 -8.40 26.43
CA SER A 72 -4.91 -9.58 26.87
C SER A 72 -3.75 -9.85 25.93
N THR A 73 -4.01 -9.78 24.61
CA THR A 73 -2.98 -9.89 23.58
C THR A 73 -1.83 -8.94 23.91
N LEU A 74 -2.21 -7.68 24.18
CA LEU A 74 -1.29 -6.62 24.57
C LEU A 74 -0.40 -7.11 25.72
N GLN A 75 -1.03 -7.71 26.75
CA GLN A 75 -0.32 -8.14 27.95
C GLN A 75 0.78 -9.15 27.60
N LYS A 76 0.53 -10.03 26.63
CA LYS A 76 1.52 -10.99 26.17
C LYS A 76 2.72 -10.25 25.58
N GLU A 77 2.44 -9.29 24.70
CA GLU A 77 3.48 -8.58 23.96
C GLU A 77 4.32 -7.72 24.92
N ILE A 78 3.66 -7.07 25.89
CA ILE A 78 4.32 -6.19 26.83
C ILE A 78 5.33 -6.98 27.68
N LEU A 79 4.98 -8.19 28.08
CA LEU A 79 5.85 -8.98 28.94
C LEU A 79 7.17 -9.24 28.23
N ILE A 80 7.10 -9.50 26.91
CA ILE A 80 8.29 -9.66 26.09
C ILE A 80 9.14 -8.39 26.21
N LEU A 81 8.50 -7.22 26.06
CA LEU A 81 9.20 -5.96 26.10
C LEU A 81 9.83 -5.73 27.48
N LYS A 82 9.17 -6.23 28.52
CA LYS A 82 9.56 -5.98 29.90
C LYS A 82 10.80 -6.79 30.26
N THR A 83 10.90 -8.03 29.73
CA THR A 83 11.94 -8.96 30.11
C THR A 83 13.17 -8.83 29.21
N CYS A 84 13.13 -7.93 28.22
CA CYS A 84 14.25 -7.72 27.31
C CYS A 84 15.45 -7.14 28.06
N ARG A 85 16.61 -7.79 27.95
CA ARG A 85 17.85 -7.27 28.50
C ARG A 85 18.89 -7.06 27.39
N HIS A 86 18.43 -6.88 26.15
CA HIS A 86 19.34 -6.75 25.03
C HIS A 86 19.91 -5.34 25.03
N ALA A 87 21.22 -5.22 24.75
CA ALA A 87 21.93 -3.96 24.87
C ALA A 87 21.56 -2.98 23.75
N ASN A 88 20.95 -3.50 22.68
CA ASN A 88 20.70 -2.70 21.49
C ASN A 88 19.20 -2.47 21.30
N ILE A 89 18.41 -2.67 22.36
CA ILE A 89 17.00 -2.37 22.34
C ILE A 89 16.73 -1.27 23.36
N VAL A 90 15.96 -0.25 22.96
CA VAL A 90 15.57 0.82 23.85
C VAL A 90 14.85 0.18 25.04
N ALA A 91 15.15 0.68 26.25
CA ALA A 91 14.76 0.04 27.49
C ALA A 91 13.30 0.38 27.82
N TYR A 92 12.59 -0.63 28.34
CA TYR A 92 11.20 -0.51 28.77
C TYR A 92 11.17 -0.16 30.26
N HIS A 93 10.41 0.89 30.61
CA HIS A 93 10.32 1.33 31.99
C HIS A 93 8.92 1.13 32.57
N GLY A 94 7.99 0.62 31.76
CA GLY A 94 6.60 0.45 32.18
C GLY A 94 5.63 0.91 31.10
N SER A 95 4.34 0.92 31.45
CA SER A 95 3.29 1.31 30.53
C SER A 95 1.97 1.57 31.26
N TYR A 96 1.21 2.54 30.74
CA TYR A 96 -0.08 2.92 31.29
C TYR A 96 -1.16 2.60 30.25
N LEU A 97 -2.43 2.60 30.69
CA LEU A 97 -3.53 2.25 29.83
C LEU A 97 -4.79 2.96 30.35
N TRP A 98 -5.08 4.13 29.78
CA TRP A 98 -6.11 5.02 30.30
C TRP A 98 -6.93 5.62 29.16
N LEU A 99 -8.26 5.44 29.24
CA LEU A 99 -9.20 6.01 28.29
C LEU A 99 -8.76 5.72 26.85
N GLN A 100 -8.79 4.43 26.49
CA GLN A 100 -8.51 3.94 25.15
C GLN A 100 -7.22 4.54 24.60
N LYS A 101 -6.19 4.61 25.46
CA LYS A 101 -4.87 5.07 25.04
C LYS A 101 -3.81 4.35 25.86
N LEU A 102 -2.96 3.60 25.16
CA LEU A 102 -1.81 2.92 25.76
C LEU A 102 -0.61 3.86 25.73
N TRP A 103 0.15 3.90 26.83
CA TRP A 103 1.34 4.72 26.92
C TRP A 103 2.54 3.83 27.28
N ILE A 104 3.63 3.95 26.52
CA ILE A 104 4.82 3.15 26.77
C ILE A 104 5.91 4.07 27.32
N CYS A 105 6.45 3.74 28.49
CA CYS A 105 7.44 4.56 29.15
C CYS A 105 8.85 4.00 28.92
N MET A 106 9.69 4.79 28.24
CA MET A 106 11.02 4.37 27.84
C MET A 106 12.03 5.40 28.31
N GLU A 107 13.32 5.07 28.13
CA GLU A 107 14.40 5.99 28.41
C GLU A 107 14.37 7.17 27.42
N PHE A 108 14.77 8.35 27.88
CA PHE A 108 14.85 9.53 27.04
C PHE A 108 16.29 9.79 26.62
N CYS A 109 16.48 10.14 25.34
CA CYS A 109 17.80 10.39 24.77
C CYS A 109 17.96 11.87 24.42
N GLY A 110 18.78 12.58 25.21
CA GLY A 110 19.10 13.97 24.94
C GLY A 110 19.52 14.20 23.48
N ALA A 111 20.34 13.28 22.95
CA ALA A 111 20.96 13.46 21.65
C ALA A 111 19.99 13.07 20.55
N GLY A 112 18.97 12.28 20.89
CA GLY A 112 17.92 11.90 19.96
C GLY A 112 18.37 10.78 19.02
N SER A 113 18.02 10.91 17.74
CA SER A 113 18.33 9.90 16.73
C SER A 113 19.64 10.27 16.04
N LEU A 114 20.19 9.32 15.28
CA LEU A 114 21.35 9.59 14.45
C LEU A 114 21.09 10.70 13.42
N GLN A 115 19.82 10.93 13.04
CA GLN A 115 19.49 12.01 12.10
C GLN A 115 19.63 13.36 12.79
N ASP A 116 19.07 13.46 14.01
CA ASP A 116 19.22 14.65 14.82
C ASP A 116 20.72 14.95 15.00
N ILE A 117 21.54 13.90 15.11
CA ILE A 117 22.97 14.06 15.37
C ILE A 117 23.73 14.54 14.12
N TYR A 118 23.53 13.90 12.96
CA TYR A 118 24.38 14.20 11.80
C TYR A 118 24.01 15.56 11.20
N GLN A 119 22.78 16.03 11.49
CA GLN A 119 22.33 17.33 11.05
C GLN A 119 23.11 18.44 11.77
N VAL A 120 23.80 18.09 12.86
CA VAL A 120 24.69 19.04 13.53
C VAL A 120 26.14 18.67 13.25
N THR A 121 26.50 17.38 13.40
CA THR A 121 27.89 16.97 13.36
C THR A 121 28.40 16.92 11.92
N GLY A 122 27.52 16.62 10.96
CA GLY A 122 27.93 16.23 9.63
C GLY A 122 28.10 14.71 9.55
N SER A 123 28.61 14.22 8.42
CA SER A 123 28.68 12.79 8.18
C SER A 123 29.52 12.10 9.24
N LEU A 124 29.14 10.86 9.57
CA LEU A 124 29.92 10.04 10.48
C LEU A 124 31.15 9.51 9.75
N SER A 125 32.24 9.31 10.49
CA SER A 125 33.41 8.62 9.97
C SER A 125 33.03 7.19 9.64
N GLU A 126 33.88 6.50 8.87
CA GLU A 126 33.63 5.10 8.52
C GLU A 126 33.55 4.25 9.78
N LEU A 127 34.47 4.47 10.73
CA LEU A 127 34.51 3.75 11.99
C LEU A 127 33.25 3.99 12.82
N GLN A 128 32.77 5.24 12.86
CA GLN A 128 31.52 5.54 13.55
C GLN A 128 30.36 4.81 12.86
N ILE A 129 30.35 4.81 11.53
CA ILE A 129 29.28 4.13 10.79
C ILE A 129 29.38 2.62 11.02
N SER A 130 30.62 2.10 11.07
CA SER A 130 30.86 0.67 11.25
C SER A 130 30.29 0.22 12.60
N TYR A 131 30.51 1.04 13.62
CA TYR A 131 30.04 0.73 14.96
C TYR A 131 28.51 0.74 14.97
N VAL A 132 27.91 1.78 14.40
CA VAL A 132 26.47 1.91 14.39
C VAL A 132 25.88 0.67 13.71
N CYS A 133 26.54 0.21 12.64
CA CYS A 133 26.05 -0.93 11.88
C CYS A 133 26.15 -2.21 12.70
N ARG A 134 27.26 -2.41 13.41
CA ARG A 134 27.41 -3.60 14.24
C ARG A 134 26.27 -3.67 15.26
N GLU A 135 26.07 -2.56 15.97
CA GLU A 135 25.11 -2.46 17.07
C GLU A 135 23.67 -2.66 16.57
N VAL A 136 23.34 -2.12 15.39
CA VAL A 136 22.00 -2.29 14.82
C VAL A 136 21.81 -3.76 14.43
N LEU A 137 22.82 -4.36 13.79
CA LEU A 137 22.76 -5.75 13.39
C LEU A 137 22.50 -6.65 14.59
N GLN A 138 23.07 -6.30 15.76
CA GLN A 138 22.86 -7.04 16.99
C GLN A 138 21.40 -6.89 17.42
N GLY A 139 20.90 -5.65 17.37
CA GLY A 139 19.49 -5.37 17.63
C GLY A 139 18.57 -6.13 16.68
N LEU A 140 18.91 -6.11 15.38
CA LEU A 140 18.11 -6.80 14.38
C LEU A 140 18.09 -8.30 14.68
N ALA A 141 19.26 -8.86 15.02
CA ALA A 141 19.37 -10.28 15.29
C ALA A 141 18.40 -10.68 16.38
N TYR A 142 18.28 -9.82 17.41
CA TYR A 142 17.40 -10.09 18.54
C TYR A 142 15.94 -10.05 18.08
N LEU A 143 15.57 -9.01 17.33
CA LEU A 143 14.20 -8.86 16.83
C LEU A 143 13.82 -10.07 15.97
N HIS A 144 14.70 -10.44 15.03
CA HIS A 144 14.42 -11.50 14.07
C HIS A 144 14.29 -12.86 14.77
N SER A 145 15.00 -13.06 15.89
CA SER A 145 14.92 -14.32 16.61
C SER A 145 13.58 -14.44 17.34
N GLN A 146 12.86 -13.32 17.49
CA GLN A 146 11.51 -13.32 18.03
C GLN A 146 10.47 -13.20 16.92
N LYS A 147 10.90 -13.45 15.67
CA LYS A 147 10.02 -13.34 14.50
C LYS A 147 9.39 -11.95 14.45
N LYS A 148 10.21 -10.92 14.74
CA LYS A 148 9.80 -9.54 14.59
C LYS A 148 10.58 -8.92 13.43
N ILE A 149 9.92 -7.99 12.76
CA ILE A 149 10.53 -7.19 11.70
C ILE A 149 10.45 -5.74 12.17
N HIS A 150 11.57 -5.01 12.07
CA HIS A 150 11.57 -3.59 12.43
C HIS A 150 10.76 -2.82 11.41
N ARG A 151 11.11 -2.97 10.12
CA ARG A 151 10.35 -2.46 9.00
C ARG A 151 10.69 -0.99 8.68
N ASP A 152 11.37 -0.28 9.61
CA ASP A 152 11.60 1.14 9.48
C ASP A 152 13.01 1.50 9.94
N ILE A 153 14.02 0.74 9.51
CA ILE A 153 15.39 1.09 9.83
C ILE A 153 15.77 2.31 9.00
N LYS A 154 16.35 3.29 9.69
CA LYS A 154 16.79 4.54 9.10
C LYS A 154 17.44 5.37 10.20
N GLY A 155 18.18 6.41 9.80
CA GLY A 155 18.84 7.29 10.76
C GLY A 155 17.90 7.73 11.88
N ALA A 156 16.67 8.10 11.49
CA ALA A 156 15.72 8.72 12.39
C ALA A 156 15.28 7.76 13.49
N ASN A 157 15.39 6.44 13.24
CA ASN A 157 14.89 5.44 14.15
C ASN A 157 16.02 4.73 14.90
N ILE A 158 17.24 5.29 14.89
CA ILE A 158 18.33 4.74 15.69
C ILE A 158 18.70 5.75 16.77
N LEU A 159 18.41 5.40 18.04
CA LEU A 159 18.61 6.34 19.12
C LEU A 159 19.99 6.15 19.77
N ILE A 160 20.64 7.28 20.07
CA ILE A 160 21.89 7.30 20.81
C ILE A 160 21.60 7.85 22.20
N ASN A 161 21.65 6.97 23.19
CA ASN A 161 21.37 7.34 24.57
C ASN A 161 22.55 8.12 25.14
N ASP A 162 22.43 8.51 26.41
CA ASP A 162 23.38 9.42 27.03
C ASP A 162 24.72 8.71 27.22
N ALA A 163 24.70 7.37 27.27
CA ALA A 163 25.91 6.57 27.49
C ALA A 163 26.58 6.19 26.18
N GLY A 164 26.06 6.70 25.05
CA GLY A 164 26.64 6.45 23.75
C GLY A 164 26.30 5.06 23.22
N GLU A 165 25.20 4.48 23.72
CA GLU A 165 24.76 3.17 23.28
C GLU A 165 23.81 3.33 22.09
N VAL A 166 23.94 2.41 21.13
CA VAL A 166 23.13 2.38 19.93
C VAL A 166 21.97 1.41 20.14
N ARG A 167 20.73 1.90 19.98
CA ARG A 167 19.56 1.13 20.36
C ARG A 167 18.45 1.29 19.32
N LEU A 168 17.77 0.18 19.03
CA LEU A 168 16.54 0.18 18.26
C LEU A 168 15.36 0.14 19.21
N ALA A 169 14.26 0.81 18.83
CA ALA A 169 13.02 0.68 19.58
C ALA A 169 12.28 -0.55 19.08
N ASP A 170 11.78 -1.34 20.04
CA ASP A 170 10.99 -2.53 19.76
C ASP A 170 9.53 -2.20 20.05
N PHE A 171 8.72 -2.05 18.99
CA PHE A 171 7.29 -1.82 19.11
C PHE A 171 6.51 -3.01 18.56
N GLY A 172 7.13 -4.20 18.62
CA GLY A 172 6.43 -5.44 18.34
C GLY A 172 5.24 -5.63 19.28
N ILE A 173 4.17 -4.87 18.99
CA ILE A 173 2.90 -4.98 19.69
C ILE A 173 1.80 -4.84 18.66
N SER A 174 0.64 -5.46 18.94
CA SER A 174 -0.42 -5.60 17.94
C SER A 174 -1.10 -4.27 17.66
N ALA A 175 -1.33 -3.47 18.70
CA ALA A 175 -2.04 -2.20 18.56
C ALA A 175 -1.22 -1.21 17.74
N GLN A 176 0.12 -1.29 17.82
CA GLN A 176 1.02 -0.43 17.04
C GLN A 176 0.99 -0.88 15.58
N ILE A 177 1.34 -2.16 15.34
CA ILE A 177 1.28 -2.73 14.00
C ILE A 177 -0.12 -2.51 13.42
N GLY A 178 -1.15 -2.51 14.29
CA GLY A 178 -2.52 -2.28 13.89
C GLY A 178 -2.74 -0.88 13.30
N ALA A 179 -2.11 0.14 13.90
CA ALA A 179 -2.28 1.52 13.46
C ALA A 179 -1.60 1.75 12.11
N GLU A 180 -0.47 1.07 11.88
CA GLU A 180 0.26 1.17 10.62
C GLU A 180 -0.61 0.57 9.50
N LEU A 181 -1.34 -0.50 9.83
CA LEU A 181 -2.17 -1.21 8.86
C LEU A 181 -3.41 -0.38 8.54
N ALA A 182 -3.84 0.47 9.47
CA ALA A 182 -4.95 1.38 9.24
C ALA A 182 -4.59 2.34 8.10
N ARG A 183 -3.34 2.86 8.14
CA ARG A 183 -2.82 3.70 7.08
C ARG A 183 -2.84 2.94 5.75
N ARG A 184 -2.34 1.69 5.77
CA ARG A 184 -2.18 0.88 4.59
C ARG A 184 -3.53 0.50 3.97
N LEU A 185 -4.60 0.55 4.77
CA LEU A 185 -5.94 0.29 4.27
C LEU A 185 -6.42 1.45 3.40
N GLU A 186 -6.19 2.68 3.88
CA GLU A 186 -6.51 3.86 3.10
C GLU A 186 -5.72 3.85 1.80
N PHE A 187 -4.52 3.25 1.83
CA PHE A 187 -3.64 3.14 0.69
C PHE A 187 -4.18 2.14 -0.33
N ILE A 188 -4.46 0.89 0.11
CA ILE A 188 -4.84 -0.15 -0.83
C ILE A 188 -6.32 -0.06 -1.19
N GLY A 189 -7.10 0.69 -0.40
CA GLY A 189 -8.52 0.90 -0.69
C GLY A 189 -9.39 -0.23 -0.13
N THR A 190 -10.69 -0.18 -0.49
CA THR A 190 -11.72 -1.06 0.07
C THR A 190 -11.39 -2.52 -0.27
N PRO A 191 -11.57 -3.48 0.67
CA PRO A 191 -11.13 -4.86 0.47
C PRO A 191 -12.16 -5.90 0.01
N TYR A 192 -13.45 -5.55 0.04
CA TYR A 192 -14.51 -6.54 -0.01
C TYR A 192 -14.40 -7.40 -1.27
N TRP A 193 -13.93 -6.80 -2.38
CA TRP A 193 -13.85 -7.50 -3.65
C TRP A 193 -12.46 -8.11 -3.89
N MET A 194 -11.55 -7.94 -2.92
CA MET A 194 -10.16 -8.37 -3.08
C MET A 194 -10.06 -9.89 -2.99
N ALA A 195 -9.20 -10.48 -3.82
CA ALA A 195 -8.87 -11.89 -3.74
C ALA A 195 -8.01 -12.13 -2.50
N PRO A 196 -7.96 -13.38 -1.97
CA PRO A 196 -7.17 -13.69 -0.78
C PRO A 196 -5.66 -13.45 -0.93
N GLU A 197 -5.10 -13.70 -2.12
CA GLU A 197 -3.68 -13.47 -2.35
C GLU A 197 -3.39 -11.97 -2.45
N VAL A 198 -4.41 -11.19 -2.83
CA VAL A 198 -4.30 -9.75 -2.90
C VAL A 198 -4.37 -9.20 -1.48
N ALA A 199 -5.25 -9.78 -0.66
CA ALA A 199 -5.37 -9.43 0.75
C ALA A 199 -4.10 -9.79 1.52
N ALA A 200 -3.58 -11.00 1.27
CA ALA A 200 -2.38 -11.47 1.95
C ALA A 200 -1.20 -10.56 1.62
N VAL A 201 -0.95 -10.35 0.34
CA VAL A 201 0.17 -9.52 -0.11
C VAL A 201 0.06 -8.13 0.50
N ALA A 202 -1.15 -7.55 0.47
CA ALA A 202 -1.36 -6.19 0.92
C ALA A 202 -1.11 -6.05 2.42
N LEU A 203 -1.48 -7.07 3.20
CA LEU A 203 -1.22 -7.04 4.63
C LEU A 203 0.28 -7.07 4.90
N LYS A 204 0.95 -8.16 4.49
CA LYS A 204 2.39 -8.28 4.59
C LYS A 204 3.05 -6.99 4.11
N GLY A 205 2.66 -6.53 2.91
CA GLY A 205 3.21 -5.31 2.35
C GLY A 205 4.65 -5.49 1.88
N GLY A 206 5.02 -6.74 1.57
CA GLY A 206 6.34 -7.06 1.05
C GLY A 206 7.41 -7.07 2.15
N TYR A 207 7.01 -6.72 3.38
CA TYR A 207 7.94 -6.63 4.50
C TYR A 207 8.34 -8.04 4.91
N ASN A 208 9.65 -8.30 4.89
CA ASN A 208 10.23 -9.50 5.46
C ASN A 208 11.43 -9.07 6.30
N GLU A 209 11.93 -9.98 7.13
CA GLU A 209 12.97 -9.63 8.10
C GLU A 209 14.22 -9.10 7.38
N LEU A 210 14.54 -9.64 6.19
CA LEU A 210 15.72 -9.19 5.46
C LEU A 210 15.53 -7.79 4.87
N CYS A 211 14.30 -7.27 4.85
CA CYS A 211 14.07 -5.90 4.43
C CYS A 211 14.85 -4.95 5.35
N ASP A 212 15.02 -5.34 6.61
CA ASP A 212 15.74 -4.53 7.59
C ASP A 212 17.23 -4.44 7.23
N ILE A 213 17.78 -5.52 6.63
CA ILE A 213 19.17 -5.55 6.24
C ILE A 213 19.40 -4.58 5.07
N TRP A 214 18.49 -4.57 4.09
CA TRP A 214 18.55 -3.59 3.02
C TRP A 214 18.46 -2.17 3.58
N SER A 215 17.50 -1.95 4.48
CA SER A 215 17.28 -0.63 5.07
C SER A 215 18.53 -0.15 5.83
N LEU A 216 19.23 -1.07 6.48
CA LEU A 216 20.46 -0.70 7.17
C LEU A 216 21.50 -0.21 6.16
N GLY A 217 21.70 -0.97 5.07
CA GLY A 217 22.59 -0.56 3.99
C GLY A 217 22.36 0.87 3.53
N ILE A 218 21.08 1.23 3.30
CA ILE A 218 20.71 2.59 2.92
C ILE A 218 21.09 3.52 4.06
N THR A 219 20.81 3.12 5.30
CA THR A 219 21.15 3.91 6.47
C THR A 219 22.64 4.26 6.47
N ALA A 220 23.50 3.25 6.27
CA ALA A 220 24.95 3.48 6.25
C ALA A 220 25.30 4.55 5.24
N ILE A 221 24.70 4.50 4.04
CA ILE A 221 24.91 5.54 3.04
C ILE A 221 24.41 6.88 3.58
N GLU A 222 23.25 6.88 4.26
CA GLU A 222 22.67 8.08 4.85
C GLU A 222 23.63 8.69 5.87
N LEU A 223 24.17 7.82 6.74
CA LEU A 223 25.14 8.23 7.74
C LEU A 223 26.39 8.80 7.08
N ALA A 224 26.74 8.31 5.89
CA ALA A 224 27.95 8.75 5.21
C ALA A 224 27.72 10.02 4.39
N GLU A 225 26.52 10.21 3.82
CA GLU A 225 26.33 11.26 2.83
C GLU A 225 25.27 12.28 3.24
N LEU A 226 24.66 12.11 4.43
CA LEU A 226 23.66 13.01 5.00
C LEU A 226 22.30 12.89 4.31
N GLN A 227 22.12 11.91 3.43
CA GLN A 227 20.79 11.61 2.91
C GLN A 227 20.84 10.28 2.18
N PRO A 228 19.71 9.56 2.07
CA PRO A 228 19.66 8.29 1.36
C PRO A 228 19.79 8.54 -0.14
N PRO A 229 20.16 7.53 -0.94
CA PRO A 229 20.25 7.69 -2.39
C PRO A 229 18.88 8.12 -2.93
N LEU A 230 18.89 8.94 -3.98
CA LEU A 230 17.68 9.36 -4.68
C LEU A 230 16.85 10.37 -3.90
N PHE A 231 17.39 10.92 -2.80
CA PHE A 231 16.63 11.80 -1.92
C PHE A 231 16.34 13.14 -2.60
N ASP A 232 17.02 13.42 -3.72
CA ASP A 232 16.82 14.64 -4.47
C ASP A 232 15.72 14.47 -5.51
N VAL A 233 15.15 13.26 -5.62
CA VAL A 233 14.07 12.99 -6.56
C VAL A 233 12.78 12.74 -5.79
N HIS A 234 11.64 13.12 -6.39
CA HIS A 234 10.33 13.05 -5.75
C HIS A 234 9.97 11.60 -5.44
N PRO A 235 9.35 11.30 -4.28
CA PRO A 235 8.99 9.93 -3.89
C PRO A 235 8.29 9.11 -4.96
N LEU A 236 7.35 9.74 -5.67
CA LEU A 236 6.54 9.04 -6.66
C LEU A 236 7.45 8.55 -7.79
N ARG A 237 8.30 9.45 -8.30
CA ARG A 237 9.24 9.10 -9.36
C ARG A 237 10.16 7.98 -8.89
N VAL A 238 10.58 8.05 -7.62
CA VAL A 238 11.52 7.11 -7.06
C VAL A 238 10.88 5.72 -6.92
N LEU A 239 9.63 5.68 -6.44
CA LEU A 239 8.86 4.45 -6.41
C LEU A 239 8.86 3.79 -7.79
N PHE A 240 8.75 4.57 -8.87
CA PHE A 240 8.78 4.02 -10.22
C PHE A 240 10.19 3.57 -10.61
N LEU A 241 11.21 4.39 -10.31
CA LEU A 241 12.60 4.04 -10.56
C LEU A 241 12.96 2.73 -9.85
N MET A 242 12.54 2.62 -8.59
CA MET A 242 12.87 1.47 -7.76
C MET A 242 12.29 0.19 -8.37
N THR A 243 11.06 0.26 -8.88
CA THR A 243 10.34 -0.92 -9.33
C THR A 243 10.55 -1.17 -10.82
N LYS A 244 11.47 -0.45 -11.47
CA LYS A 244 11.94 -0.81 -12.80
C LYS A 244 12.74 -2.10 -12.70
N SER A 245 12.50 -3.02 -13.64
CA SER A 245 13.17 -4.32 -13.70
C SER A 245 14.69 -4.18 -13.53
N GLY A 246 15.26 -3.16 -14.18
CA GLY A 246 16.72 -3.02 -14.26
C GLY A 246 17.30 -2.23 -13.10
N TYR A 247 16.45 -1.78 -12.17
CA TYR A 247 16.90 -0.97 -11.03
C TYR A 247 18.11 -1.61 -10.39
N GLN A 248 19.12 -0.79 -10.09
CA GLN A 248 20.37 -1.27 -9.51
C GLN A 248 20.46 -0.81 -8.05
N PRO A 249 21.01 -1.64 -7.14
CA PRO A 249 21.24 -1.22 -5.77
C PRO A 249 22.16 0.00 -5.74
N PRO A 250 21.82 1.06 -4.98
CA PRO A 250 22.69 2.23 -4.89
C PRO A 250 24.03 1.88 -4.27
N ARG A 251 25.00 2.76 -4.46
CA ARG A 251 26.33 2.61 -3.87
C ARG A 251 26.73 3.95 -3.28
N LEU A 252 27.87 3.97 -2.57
CA LEU A 252 28.44 5.20 -2.03
C LEU A 252 28.94 6.08 -3.17
N LYS A 253 28.85 7.40 -2.95
CA LYS A 253 29.01 8.41 -3.99
C LYS A 253 30.50 8.65 -4.30
N GLU A 254 31.29 8.96 -3.26
CA GLU A 254 32.70 9.29 -3.42
C GLU A 254 33.55 8.05 -3.17
N LYS A 255 34.07 7.45 -4.24
CA LYS A 255 34.80 6.19 -4.17
C LYS A 255 35.99 6.31 -3.20
N GLY A 256 36.79 7.37 -3.36
CA GLY A 256 38.05 7.52 -2.66
C GLY A 256 37.94 7.53 -1.13
N LYS A 257 36.80 8.00 -0.60
CA LYS A 257 36.68 8.34 0.81
C LYS A 257 36.56 7.10 1.69
N TRP A 258 36.14 5.97 1.13
CA TRP A 258 35.74 4.80 1.90
C TRP A 258 36.60 3.59 1.53
N SER A 259 36.74 2.65 2.47
CA SER A 259 37.48 1.43 2.23
C SER A 259 36.63 0.44 1.43
N ALA A 260 37.31 -0.57 0.87
CA ALA A 260 36.67 -1.65 0.14
C ALA A 260 35.69 -2.38 1.04
N ALA A 261 35.99 -2.44 2.34
CA ALA A 261 35.14 -3.13 3.30
C ALA A 261 33.78 -2.43 3.42
N PHE A 262 33.76 -1.11 3.36
CA PHE A 262 32.52 -0.36 3.44
C PHE A 262 31.72 -0.59 2.16
N HIS A 263 32.37 -0.39 1.01
CA HIS A 263 31.75 -0.64 -0.29
C HIS A 263 31.16 -2.06 -0.34
N ASN A 264 31.84 -3.02 0.28
CA ASN A 264 31.40 -4.40 0.22
C ASN A 264 30.16 -4.59 1.10
N PHE A 265 30.21 -4.05 2.32
CA PHE A 265 29.09 -4.11 3.24
C PHE A 265 27.82 -3.67 2.52
N ILE A 266 27.96 -2.55 1.79
CA ILE A 266 26.89 -1.94 1.02
C ILE A 266 26.44 -2.90 -0.07
N LYS A 267 27.38 -3.39 -0.88
CA LYS A 267 27.08 -4.33 -1.94
C LYS A 267 26.23 -5.49 -1.41
N VAL A 268 26.61 -6.06 -0.26
CA VAL A 268 26.00 -7.29 0.21
C VAL A 268 24.71 -6.99 0.95
N THR A 269 24.65 -5.90 1.73
CA THR A 269 23.41 -5.54 2.39
C THR A 269 22.35 -5.20 1.35
N LEU A 270 22.76 -4.52 0.26
CA LEU A 270 21.83 -4.04 -0.76
C LEU A 270 21.71 -5.05 -1.89
N THR A 271 21.48 -6.31 -1.56
CA THR A 271 21.23 -7.32 -2.58
C THR A 271 19.74 -7.23 -2.93
N LYS A 272 19.43 -7.33 -4.23
CA LYS A 272 18.07 -7.16 -4.72
C LYS A 272 17.20 -8.32 -4.28
N SER A 273 17.70 -9.54 -4.50
CA SER A 273 16.93 -10.75 -4.22
C SER A 273 16.99 -11.05 -2.72
N PRO A 274 15.85 -11.13 -2.01
CA PRO A 274 15.85 -11.49 -0.59
C PRO A 274 16.33 -12.92 -0.35
N LYS A 275 16.22 -13.77 -1.37
CA LYS A 275 16.69 -15.15 -1.28
C LYS A 275 18.22 -15.18 -1.24
N LYS A 276 18.88 -14.11 -1.70
CA LYS A 276 20.35 -14.06 -1.74
C LYS A 276 20.88 -12.96 -0.83
N ARG A 277 20.02 -12.38 0.03
CA ARG A 277 20.43 -11.30 0.92
C ARG A 277 20.81 -11.90 2.27
N PRO A 278 21.96 -11.52 2.87
CA PRO A 278 22.42 -12.11 4.12
C PRO A 278 21.71 -11.60 5.37
N SER A 279 21.56 -12.49 6.36
CA SER A 279 20.81 -12.19 7.58
C SER A 279 21.68 -11.36 8.53
N ALA A 280 21.04 -10.88 9.60
CA ALA A 280 21.72 -10.10 10.62
C ALA A 280 22.94 -10.86 11.11
N THR A 281 22.73 -12.15 11.45
CA THR A 281 23.75 -12.99 12.07
C THR A 281 24.93 -13.18 11.13
N LYS A 282 24.67 -13.44 9.84
CA LYS A 282 25.72 -13.60 8.85
C LYS A 282 26.48 -12.29 8.66
N MET A 283 25.75 -11.16 8.78
CA MET A 283 26.31 -9.84 8.51
C MET A 283 27.20 -9.40 9.68
N LEU A 284 27.03 -10.04 10.84
CA LEU A 284 27.83 -9.70 12.01
C LEU A 284 29.24 -10.29 11.88
N SER A 285 29.47 -11.12 10.84
CA SER A 285 30.81 -11.64 10.58
C SER A 285 31.45 -10.94 9.39
N HIS A 286 30.88 -9.80 8.96
CA HIS A 286 31.43 -9.06 7.84
C HIS A 286 32.66 -8.26 8.31
N GLN A 287 33.62 -8.08 7.40
CA GLN A 287 34.84 -7.32 7.66
C GLN A 287 34.53 -6.06 8.47
N LEU A 288 33.55 -5.29 8.00
CA LEU A 288 33.32 -3.94 8.48
C LEU A 288 32.92 -3.92 9.96
N VAL A 289 32.11 -4.89 10.40
CA VAL A 289 31.58 -4.85 11.76
C VAL A 289 32.34 -5.82 12.67
N SER A 290 33.48 -6.35 12.18
CA SER A 290 34.35 -7.19 12.99
C SER A 290 35.68 -6.50 13.29
N GLN A 291 35.91 -5.32 12.72
CA GLN A 291 37.25 -4.75 12.67
C GLN A 291 37.65 -4.25 14.06
N PRO A 292 38.95 -4.21 14.40
CA PRO A 292 39.41 -3.65 15.68
C PRO A 292 39.08 -2.17 15.76
N GLY A 293 39.03 -1.66 16.99
CA GLY A 293 38.85 -0.24 17.23
C GLY A 293 37.38 0.19 17.25
N LEU A 294 36.45 -0.77 17.20
CA LEU A 294 35.04 -0.48 17.36
C LEU A 294 34.69 -0.51 18.85
N ASN A 295 34.53 0.68 19.43
CA ASN A 295 34.19 0.85 20.84
C ASN A 295 33.28 2.08 20.98
N ARG A 296 32.69 2.27 22.16
CA ARG A 296 31.63 3.27 22.27
C ARG A 296 32.28 4.65 22.40
N GLY A 297 33.59 4.70 22.61
CA GLY A 297 34.36 5.93 22.52
C GLY A 297 34.20 6.64 21.17
N LEU A 298 33.90 5.87 20.11
CA LEU A 298 33.59 6.44 18.80
C LEU A 298 32.33 7.29 18.89
N ILE A 299 31.35 6.80 19.64
CA ILE A 299 30.04 7.46 19.77
C ILE A 299 30.15 8.63 20.74
N LEU A 300 30.91 8.46 21.83
CA LEU A 300 31.11 9.50 22.82
C LEU A 300 31.75 10.71 22.15
N ASP A 301 32.74 10.42 21.29
CA ASP A 301 33.35 11.43 20.44
C ASP A 301 32.28 12.13 19.61
N LEU A 302 31.37 11.36 19.01
CA LEU A 302 30.31 11.94 18.20
C LEU A 302 29.42 12.84 19.06
N LEU A 303 29.11 12.40 20.28
CA LEU A 303 28.23 13.14 21.18
C LEU A 303 28.88 14.44 21.62
N ASP A 304 30.17 14.41 21.96
CA ASP A 304 30.91 15.62 22.33
C ASP A 304 30.88 16.61 21.18
N LYS A 305 31.03 16.10 19.95
CA LYS A 305 31.07 16.92 18.76
C LYS A 305 29.70 17.57 18.54
N LEU A 306 28.63 16.80 18.76
CA LEU A 306 27.27 17.33 18.64
C LEU A 306 27.08 18.49 19.62
N LYS A 307 27.44 18.28 20.88
CA LYS A 307 27.10 19.23 21.93
C LYS A 307 28.16 20.33 22.06
N ASN A 308 29.28 20.24 21.31
CA ASN A 308 30.32 21.25 21.40
C ASN A 308 30.76 21.67 19.99
N GLY A 309 31.32 20.74 19.22
CA GLY A 309 31.76 21.02 17.85
C GLY A 309 33.18 20.55 17.60
N ASP B 20 1.35 7.49 -34.32
CA ASP B 20 1.05 8.59 -33.35
C ASP B 20 -0.46 8.72 -33.20
N PRO B 21 -1.02 8.55 -31.97
CA PRO B 21 -2.47 8.46 -31.77
C PRO B 21 -3.28 9.75 -31.91
N ASP B 22 -2.60 10.88 -32.11
CA ASP B 22 -3.27 12.15 -32.31
C ASP B 22 -3.98 12.56 -31.03
N ILE B 23 -3.20 12.73 -29.96
CA ILE B 23 -3.69 13.39 -28.76
C ILE B 23 -3.74 14.89 -29.08
N PHE B 24 -4.85 15.54 -28.70
CA PHE B 24 -5.07 16.94 -28.99
C PHE B 24 -4.37 17.81 -27.95
N ASN B 25 -3.30 18.51 -28.35
CA ASN B 25 -2.65 19.51 -27.52
C ASN B 25 -3.47 20.79 -27.61
N ARG B 26 -4.63 20.79 -26.95
CA ARG B 26 -5.67 21.76 -27.16
C ARG B 26 -6.56 21.80 -25.91
N ASP B 27 -7.09 22.99 -25.61
CA ASP B 27 -7.97 23.19 -24.47
C ASP B 27 -9.28 22.46 -24.75
N PRO B 28 -9.64 21.42 -23.95
CA PRO B 28 -10.89 20.67 -24.17
C PRO B 28 -12.14 21.46 -23.80
N ARG B 29 -11.95 22.60 -23.11
CA ARG B 29 -13.05 23.50 -22.80
C ARG B 29 -13.61 24.11 -24.08
N ASP B 30 -12.79 24.12 -25.15
CA ASP B 30 -13.18 24.64 -26.46
C ASP B 30 -14.35 23.85 -27.05
N HIS B 31 -14.35 22.53 -26.84
CA HIS B 31 -15.24 21.63 -27.57
C HIS B 31 -16.36 21.09 -26.68
N TYR B 32 -16.25 21.24 -25.35
CA TYR B 32 -17.13 20.54 -24.43
C TYR B 32 -17.67 21.48 -23.35
N ASP B 33 -18.94 21.28 -23.00
CA ASP B 33 -19.59 21.97 -21.89
C ASP B 33 -19.69 20.97 -20.73
N LEU B 34 -19.09 21.31 -19.58
CA LEU B 34 -19.10 20.44 -18.40
C LEU B 34 -20.39 20.66 -17.62
N LEU B 35 -21.15 19.58 -17.40
CA LEU B 35 -22.50 19.66 -16.88
C LEU B 35 -22.56 19.22 -15.42
N GLN B 36 -21.90 18.10 -15.07
CA GLN B 36 -21.79 17.69 -13.67
C GLN B 36 -20.68 16.66 -13.48
N ARG B 37 -20.15 16.60 -12.24
CA ARG B 37 -19.25 15.53 -11.82
C ARG B 37 -20.05 14.25 -11.63
N LEU B 38 -19.39 13.12 -11.92
CA LEU B 38 -20.00 11.80 -11.84
C LEU B 38 -19.23 10.95 -10.83
N GLY B 39 -19.96 10.16 -10.02
CA GLY B 39 -19.37 9.12 -9.21
C GLY B 39 -19.07 9.55 -7.78
N GLY B 40 -19.12 10.86 -7.52
CA GLY B 40 -18.92 11.40 -6.18
C GLY B 40 -17.53 11.07 -5.60
N GLY B 41 -16.51 10.99 -6.47
CA GLY B 41 -15.14 10.78 -6.05
C GLY B 41 -14.60 9.37 -6.33
N THR B 42 -15.51 8.40 -6.44
CA THR B 42 -15.12 7.00 -6.56
C THR B 42 -14.47 6.75 -7.92
N TYR B 43 -14.71 7.63 -8.89
CA TYR B 43 -14.16 7.50 -10.23
C TYR B 43 -13.04 8.51 -10.47
N GLY B 44 -12.60 9.21 -9.41
CA GLY B 44 -11.71 10.35 -9.58
C GLY B 44 -12.42 11.56 -10.20
N GLU B 45 -11.74 12.27 -11.12
CA GLU B 45 -12.29 13.47 -11.71
C GLU B 45 -12.94 13.12 -13.04
N VAL B 46 -14.28 12.98 -13.04
CA VAL B 46 -15.03 12.55 -14.20
C VAL B 46 -16.30 13.38 -14.31
N PHE B 47 -16.64 13.78 -15.55
CA PHE B 47 -17.77 14.67 -15.79
C PHE B 47 -18.66 14.15 -16.91
N LYS B 48 -19.96 14.40 -16.76
CA LYS B 48 -20.91 14.39 -17.85
C LYS B 48 -20.74 15.68 -18.64
N ALA B 49 -20.42 15.58 -19.93
CA ALA B 49 -20.13 16.76 -20.72
C ALA B 49 -20.95 16.75 -22.00
N ARG B 50 -21.13 17.93 -22.59
CA ARG B 50 -21.81 18.08 -23.86
C ARG B 50 -20.81 18.59 -24.89
N ASP B 51 -20.77 17.91 -26.04
CA ASP B 51 -20.03 18.38 -27.21
C ASP B 51 -20.72 19.65 -27.70
N LYS B 52 -19.96 20.56 -28.33
CA LYS B 52 -20.49 21.86 -28.72
C LYS B 52 -20.90 21.87 -30.20
N VAL B 53 -20.10 21.23 -31.07
CA VAL B 53 -20.43 21.12 -32.47
C VAL B 53 -21.63 20.18 -32.62
N SER B 54 -21.58 19.05 -31.89
CA SER B 54 -22.67 18.08 -31.84
C SER B 54 -23.37 18.17 -30.49
N GLY B 55 -24.66 17.86 -30.44
CA GLY B 55 -25.40 17.90 -29.19
C GLY B 55 -25.13 16.69 -28.29
N ASP B 56 -24.04 15.96 -28.54
CA ASP B 56 -23.83 14.63 -27.99
C ASP B 56 -23.28 14.69 -26.58
N LEU B 57 -23.79 13.81 -25.72
CA LEU B 57 -23.27 13.63 -24.38
C LEU B 57 -22.04 12.73 -24.43
N VAL B 58 -21.08 13.00 -23.54
CA VAL B 58 -19.86 12.21 -23.42
C VAL B 58 -19.46 12.19 -21.95
N ALA B 59 -18.62 11.23 -21.60
CA ALA B 59 -17.96 11.21 -20.30
C ALA B 59 -16.52 11.69 -20.48
N LEU B 60 -16.09 12.58 -19.58
CA LEU B 60 -14.74 13.12 -19.62
C LEU B 60 -14.02 12.73 -18.32
N LYS B 61 -12.96 11.93 -18.49
CA LYS B 61 -12.10 11.50 -17.40
C LYS B 61 -10.88 12.42 -17.39
N MET B 62 -10.73 13.20 -16.31
CA MET B 62 -9.60 14.12 -16.21
C MET B 62 -8.53 13.46 -15.34
N VAL B 63 -7.37 13.17 -15.96
CA VAL B 63 -6.26 12.52 -15.28
C VAL B 63 -5.18 13.56 -15.00
N LYS B 64 -4.80 13.68 -13.72
CA LYS B 64 -3.78 14.64 -13.29
C LYS B 64 -2.39 14.14 -13.69
N MET B 65 -1.69 14.92 -14.51
CA MET B 65 -0.36 14.58 -15.02
C MET B 65 0.69 15.10 -14.05
N GLU B 66 1.81 14.37 -13.97
CA GLU B 66 3.00 14.88 -13.28
C GLU B 66 3.78 15.75 -14.25
N PRO B 67 4.51 16.78 -13.77
CA PRO B 67 5.20 17.71 -14.66
C PRO B 67 6.32 17.04 -15.46
N ASP B 68 6.75 15.84 -15.02
CA ASP B 68 7.83 15.11 -15.65
C ASP B 68 7.35 13.81 -16.29
N ASP B 69 6.03 13.71 -16.54
N ASP B 69 6.04 13.73 -16.58
CA ASP B 69 5.48 12.49 -17.11
CA ASP B 69 5.43 12.55 -17.16
C ASP B 69 6.06 12.27 -18.51
C ASP B 69 6.08 12.29 -18.53
N ASP B 70 6.29 11.00 -18.83
CA ASP B 70 6.86 10.60 -20.11
C ASP B 70 5.75 10.58 -21.14
N VAL B 71 5.87 11.46 -22.14
CA VAL B 71 4.86 11.61 -23.18
C VAL B 71 4.95 10.44 -24.16
N SER B 72 6.18 9.96 -24.41
CA SER B 72 6.43 8.81 -25.26
C SER B 72 5.61 7.61 -24.81
N THR B 73 5.71 7.29 -23.51
CA THR B 73 5.01 6.15 -22.93
C THR B 73 3.51 6.40 -23.01
N LEU B 74 3.08 7.65 -22.77
CA LEU B 74 1.67 8.02 -22.85
C LEU B 74 1.14 7.74 -24.26
N GLN B 75 1.80 8.31 -25.27
CA GLN B 75 1.38 8.16 -26.66
C GLN B 75 1.11 6.70 -26.99
N LYS B 76 2.10 5.83 -26.77
CA LYS B 76 2.02 4.43 -27.13
C LYS B 76 0.92 3.73 -26.32
N GLU B 77 0.64 4.21 -25.11
CA GLU B 77 -0.40 3.61 -24.28
C GLU B 77 -1.78 4.05 -24.73
N ILE B 78 -1.92 5.30 -25.18
CA ILE B 78 -3.19 5.80 -25.68
C ILE B 78 -3.52 5.07 -26.99
N LEU B 79 -2.53 4.92 -27.89
CA LEU B 79 -2.73 4.29 -29.19
C LEU B 79 -3.43 2.94 -29.01
N ILE B 80 -2.98 2.17 -28.01
CA ILE B 80 -3.55 0.87 -27.73
C ILE B 80 -5.04 1.00 -27.39
N LEU B 81 -5.39 1.97 -26.53
CA LEU B 81 -6.78 2.23 -26.18
C LEU B 81 -7.58 2.63 -27.43
N LYS B 82 -6.94 3.40 -28.32
CA LYS B 82 -7.59 4.00 -29.47
C LYS B 82 -8.02 2.94 -30.48
N THR B 83 -7.12 1.98 -30.75
CA THR B 83 -7.34 0.98 -31.79
C THR B 83 -8.24 -0.16 -31.30
N CYS B 84 -8.43 -0.26 -29.98
CA CYS B 84 -9.34 -1.23 -29.38
C CYS B 84 -10.77 -1.00 -29.87
N ARG B 85 -11.40 -2.07 -30.39
CA ARG B 85 -12.79 -2.04 -30.81
C ARG B 85 -13.58 -3.22 -30.24
N HIS B 86 -13.10 -3.77 -29.12
CA HIS B 86 -13.78 -4.86 -28.42
C HIS B 86 -15.16 -4.40 -27.93
N ALA B 87 -16.11 -5.34 -27.91
CA ALA B 87 -17.50 -5.00 -27.63
C ALA B 87 -17.74 -4.76 -26.14
N ASN B 88 -16.79 -5.15 -25.27
CA ASN B 88 -17.00 -5.09 -23.83
C ASN B 88 -16.02 -4.12 -23.16
N ILE B 89 -15.34 -3.29 -23.95
CA ILE B 89 -14.54 -2.20 -23.42
C ILE B 89 -15.22 -0.89 -23.83
N VAL B 90 -15.22 0.11 -22.94
CA VAL B 90 -15.82 1.40 -23.27
C VAL B 90 -15.04 2.04 -24.40
N ALA B 91 -15.76 2.67 -25.33
CA ALA B 91 -15.14 3.23 -26.52
C ALA B 91 -14.27 4.42 -26.14
N TYR B 92 -13.12 4.54 -26.82
CA TYR B 92 -12.26 5.70 -26.70
C TYR B 92 -12.59 6.65 -27.86
N HIS B 93 -13.04 7.86 -27.52
CA HIS B 93 -13.49 8.83 -28.51
C HIS B 93 -12.38 9.81 -28.87
N GLY B 94 -11.57 10.20 -27.87
CA GLY B 94 -10.42 11.05 -28.09
C GLY B 94 -9.77 11.49 -26.78
N SER B 95 -8.57 12.09 -26.88
CA SER B 95 -7.83 12.59 -25.72
C SER B 95 -7.41 14.04 -25.95
N TYR B 96 -7.31 14.78 -24.84
CA TYR B 96 -6.78 16.13 -24.82
C TYR B 96 -5.73 16.22 -23.72
N LEU B 97 -4.55 16.76 -24.07
CA LEU B 97 -3.51 17.07 -23.10
C LEU B 97 -3.38 18.58 -23.01
N TRP B 98 -3.73 19.14 -21.83
CA TRP B 98 -3.80 20.58 -21.66
C TRP B 98 -3.60 20.96 -20.20
N LEU B 99 -2.47 21.65 -19.91
CA LEU B 99 -2.19 22.22 -18.60
C LEU B 99 -2.04 21.12 -17.56
N GLN B 100 -1.20 20.13 -17.89
CA GLN B 100 -0.89 19.00 -17.02
C GLN B 100 -2.16 18.22 -16.67
N LYS B 101 -3.07 18.11 -17.63
CA LYS B 101 -4.28 17.34 -17.46
C LYS B 101 -4.55 16.57 -18.76
N LEU B 102 -4.68 15.25 -18.65
CA LEU B 102 -5.15 14.42 -19.73
C LEU B 102 -6.66 14.26 -19.58
N TRP B 103 -7.38 14.47 -20.69
CA TRP B 103 -8.83 14.28 -20.76
C TRP B 103 -9.14 13.14 -21.73
N ILE B 104 -9.85 12.11 -21.26
CA ILE B 104 -10.24 11.01 -22.10
C ILE B 104 -11.75 11.09 -22.34
N CYS B 105 -12.12 11.32 -23.60
CA CYS B 105 -13.53 11.40 -23.99
C CYS B 105 -14.07 10.00 -24.25
N MET B 106 -15.31 9.79 -23.81
CA MET B 106 -15.88 8.45 -23.68
C MET B 106 -17.40 8.51 -23.86
N GLU B 107 -18.00 7.32 -23.99
CA GLU B 107 -19.44 7.17 -24.11
C GLU B 107 -20.09 7.43 -22.74
N PHE B 108 -21.08 8.33 -22.69
CA PHE B 108 -21.81 8.60 -21.46
C PHE B 108 -22.94 7.59 -21.28
N CYS B 109 -23.00 6.99 -20.09
CA CYS B 109 -24.08 6.08 -19.72
C CYS B 109 -25.05 6.79 -18.78
N GLY B 110 -26.27 7.07 -19.27
CA GLY B 110 -27.28 7.75 -18.50
C GLY B 110 -27.70 6.93 -17.27
N ALA B 111 -27.56 5.60 -17.37
CA ALA B 111 -27.90 4.69 -16.29
C ALA B 111 -26.73 4.55 -15.33
N GLY B 112 -25.51 4.88 -15.80
CA GLY B 112 -24.32 4.73 -15.00
C GLY B 112 -23.93 3.26 -14.84
N SER B 113 -23.48 2.90 -13.63
CA SER B 113 -22.97 1.57 -13.36
C SER B 113 -24.10 0.68 -12.89
N LEU B 114 -23.83 -0.63 -12.85
CA LEU B 114 -24.78 -1.59 -12.30
C LEU B 114 -25.13 -1.18 -10.87
N GLN B 115 -24.14 -0.72 -10.09
CA GLN B 115 -24.40 -0.31 -8.72
C GLN B 115 -25.42 0.83 -8.67
N ASP B 116 -25.24 1.83 -9.54
CA ASP B 116 -26.20 2.91 -9.67
C ASP B 116 -27.58 2.35 -9.96
N ILE B 117 -27.64 1.28 -10.77
CA ILE B 117 -28.92 0.73 -11.16
C ILE B 117 -29.52 -0.04 -9.97
N TYR B 118 -28.75 -0.96 -9.38
CA TYR B 118 -29.30 -1.94 -8.46
C TYR B 118 -29.78 -1.26 -7.17
N GLN B 119 -29.29 -0.06 -6.89
CA GLN B 119 -29.70 0.69 -5.72
C GLN B 119 -31.11 1.25 -5.90
N VAL B 120 -31.63 1.20 -7.12
CA VAL B 120 -33.00 1.62 -7.40
C VAL B 120 -33.87 0.40 -7.68
N THR B 121 -33.36 -0.51 -8.52
CA THR B 121 -34.13 -1.64 -9.03
C THR B 121 -34.17 -2.80 -8.05
N GLY B 122 -33.19 -2.86 -7.15
CA GLY B 122 -33.01 -4.03 -6.31
C GLY B 122 -32.19 -5.11 -7.01
N SER B 123 -32.21 -6.32 -6.44
CA SER B 123 -31.33 -7.39 -6.88
C SER B 123 -31.62 -7.74 -8.34
N LEU B 124 -30.55 -8.06 -9.08
CA LEU B 124 -30.71 -8.56 -10.43
C LEU B 124 -31.13 -10.02 -10.37
N SER B 125 -31.88 -10.46 -11.39
CA SER B 125 -32.21 -11.87 -11.56
C SER B 125 -30.96 -12.65 -11.95
N GLU B 126 -31.04 -13.98 -11.82
CA GLU B 126 -29.91 -14.85 -12.11
C GLU B 126 -29.48 -14.70 -13.56
N LEU B 127 -30.46 -14.66 -14.48
CA LEU B 127 -30.19 -14.56 -15.91
C LEU B 127 -29.54 -13.22 -16.25
N GLN B 128 -30.00 -12.14 -15.62
CA GLN B 128 -29.38 -10.84 -15.81
C GLN B 128 -27.93 -10.88 -15.30
N ILE B 129 -27.67 -11.61 -14.22
CA ILE B 129 -26.34 -11.70 -13.64
C ILE B 129 -25.47 -12.61 -14.51
N SER B 130 -26.11 -13.58 -15.17
CA SER B 130 -25.38 -14.49 -16.03
C SER B 130 -24.93 -13.76 -17.29
N TYR B 131 -25.82 -12.94 -17.87
CA TYR B 131 -25.48 -12.12 -19.01
C TYR B 131 -24.30 -11.22 -18.65
N VAL B 132 -24.40 -10.51 -17.52
CA VAL B 132 -23.37 -9.57 -17.09
C VAL B 132 -22.01 -10.27 -16.92
N CYS B 133 -22.01 -11.42 -16.24
CA CYS B 133 -20.77 -12.16 -15.99
C CYS B 133 -20.14 -12.61 -17.30
N ARG B 134 -20.96 -12.97 -18.30
CA ARG B 134 -20.44 -13.39 -19.58
C ARG B 134 -19.73 -12.23 -20.25
N GLU B 135 -20.41 -11.08 -20.29
CA GLU B 135 -19.91 -9.91 -20.98
C GLU B 135 -18.62 -9.43 -20.28
N VAL B 136 -18.67 -9.33 -18.94
CA VAL B 136 -17.50 -8.92 -18.18
C VAL B 136 -16.33 -9.87 -18.47
N LEU B 137 -16.57 -11.20 -18.43
CA LEU B 137 -15.53 -12.18 -18.67
C LEU B 137 -14.88 -11.95 -20.04
N GLN B 138 -15.71 -11.59 -21.03
CA GLN B 138 -15.23 -11.34 -22.38
C GLN B 138 -14.27 -10.15 -22.36
N GLY B 139 -14.65 -9.09 -21.65
CA GLY B 139 -13.77 -7.95 -21.42
C GLY B 139 -12.46 -8.35 -20.74
N LEU B 140 -12.55 -9.21 -19.71
CA LEU B 140 -11.38 -9.65 -18.96
C LEU B 140 -10.44 -10.45 -19.86
N ALA B 141 -11.03 -11.28 -20.73
CA ALA B 141 -10.26 -12.04 -21.72
C ALA B 141 -9.42 -11.08 -22.55
N TYR B 142 -10.06 -10.00 -23.04
CA TYR B 142 -9.37 -9.02 -23.86
C TYR B 142 -8.21 -8.44 -23.05
N LEU B 143 -8.52 -7.88 -21.88
CA LEU B 143 -7.54 -7.18 -21.07
C LEU B 143 -6.37 -8.11 -20.74
N HIS B 144 -6.69 -9.33 -20.27
CA HIS B 144 -5.68 -10.29 -19.87
C HIS B 144 -4.76 -10.65 -21.05
N SER B 145 -5.30 -10.62 -22.27
CA SER B 145 -4.53 -10.94 -23.46
C SER B 145 -3.46 -9.88 -23.73
N GLN B 146 -3.62 -8.70 -23.12
CA GLN B 146 -2.71 -7.58 -23.31
C GLN B 146 -1.82 -7.39 -22.08
N LYS B 147 -1.75 -8.41 -21.21
CA LYS B 147 -1.03 -8.35 -19.95
C LYS B 147 -1.51 -7.16 -19.11
N LYS B 148 -2.81 -6.86 -19.15
CA LYS B 148 -3.42 -5.86 -18.29
C LYS B 148 -4.24 -6.56 -17.22
N ILE B 149 -4.18 -6.02 -15.99
CA ILE B 149 -4.98 -6.50 -14.88
C ILE B 149 -5.96 -5.39 -14.51
N HIS B 150 -7.24 -5.72 -14.38
CA HIS B 150 -8.25 -4.70 -14.14
C HIS B 150 -8.14 -4.18 -12.71
N ARG B 151 -8.22 -5.09 -11.73
CA ARG B 151 -7.93 -4.84 -10.32
C ARG B 151 -9.13 -4.31 -9.53
N ASP B 152 -10.11 -3.67 -10.20
CA ASP B 152 -11.23 -3.07 -9.49
C ASP B 152 -12.54 -3.48 -10.15
N ILE B 153 -12.71 -4.80 -10.36
CA ILE B 153 -13.98 -5.32 -10.85
C ILE B 153 -15.00 -5.24 -9.72
N LYS B 154 -16.08 -4.49 -9.95
CA LYS B 154 -17.15 -4.30 -8.98
C LYS B 154 -18.35 -3.64 -9.66
N GLY B 155 -19.52 -3.73 -9.03
CA GLY B 155 -20.73 -3.13 -9.57
C GLY B 155 -20.49 -1.70 -10.09
N ALA B 156 -19.74 -0.91 -9.30
CA ALA B 156 -19.53 0.50 -9.57
C ALA B 156 -18.71 0.74 -10.83
N ASN B 157 -18.08 -0.31 -11.36
CA ASN B 157 -17.15 -0.18 -12.47
C ASN B 157 -17.61 -0.99 -13.68
N ILE B 158 -18.84 -1.50 -13.64
CA ILE B 158 -19.41 -2.16 -14.81
C ILE B 158 -20.48 -1.23 -15.37
N LEU B 159 -20.26 -0.75 -16.60
CA LEU B 159 -21.05 0.31 -17.19
C LEU B 159 -22.09 -0.26 -18.14
N ILE B 160 -23.30 0.32 -18.05
CA ILE B 160 -24.49 -0.09 -18.80
C ILE B 160 -24.95 1.12 -19.61
N ASN B 161 -24.87 1.02 -20.93
CA ASN B 161 -25.40 2.05 -21.80
C ASN B 161 -26.85 1.71 -22.13
N ASP B 162 -27.57 2.67 -22.71
CA ASP B 162 -29.01 2.52 -22.98
C ASP B 162 -29.28 1.39 -23.98
N ALA B 163 -28.26 0.98 -24.74
CA ALA B 163 -28.36 -0.21 -25.59
C ALA B 163 -28.34 -1.49 -24.75
N GLY B 164 -27.96 -1.40 -23.47
CA GLY B 164 -27.93 -2.55 -22.59
C GLY B 164 -26.64 -3.35 -22.76
N GLU B 165 -25.61 -2.70 -23.32
CA GLU B 165 -24.30 -3.33 -23.44
C GLU B 165 -23.56 -3.20 -22.11
N VAL B 166 -22.83 -4.26 -21.75
CA VAL B 166 -22.04 -4.28 -20.54
C VAL B 166 -20.59 -4.01 -20.94
N ARG B 167 -19.95 -3.02 -20.28
CA ARG B 167 -18.62 -2.60 -20.67
C ARG B 167 -17.77 -2.26 -19.45
N LEU B 168 -16.48 -2.64 -19.55
CA LEU B 168 -15.43 -2.25 -18.63
C LEU B 168 -14.64 -1.09 -19.21
N ALA B 169 -14.21 -0.18 -18.33
CA ALA B 169 -13.23 0.82 -18.71
C ALA B 169 -11.84 0.20 -18.66
N ASP B 170 -10.95 0.68 -19.55
CA ASP B 170 -9.56 0.29 -19.59
C ASP B 170 -8.71 1.55 -19.38
N PHE B 171 -8.24 1.74 -18.15
CA PHE B 171 -7.40 2.88 -17.82
C PHE B 171 -5.96 2.41 -17.58
N GLY B 172 -5.52 1.39 -18.33
CA GLY B 172 -4.14 0.95 -18.35
C GLY B 172 -3.22 2.00 -18.98
N ILE B 173 -2.94 3.04 -18.20
CA ILE B 173 -2.17 4.21 -18.62
C ILE B 173 -1.28 4.58 -17.44
N SER B 174 0.03 4.69 -17.68
CA SER B 174 0.99 4.96 -16.62
C SER B 174 0.57 6.22 -15.87
N ALA B 175 0.17 7.25 -16.62
CA ALA B 175 -0.31 8.49 -16.06
C ALA B 175 -1.45 8.24 -15.06
N GLN B 176 -2.38 7.33 -15.39
CA GLN B 176 -3.47 7.04 -14.47
C GLN B 176 -2.94 6.30 -13.23
N ILE B 177 -1.98 5.40 -13.40
CA ILE B 177 -1.39 4.70 -12.28
C ILE B 177 -0.69 5.69 -11.35
N GLY B 178 0.09 6.60 -11.95
CA GLY B 178 0.80 7.63 -11.22
C GLY B 178 -0.12 8.61 -10.50
N ALA B 179 -1.25 8.96 -11.13
CA ALA B 179 -2.18 9.90 -10.52
C ALA B 179 -2.78 9.27 -9.27
N GLU B 180 -3.13 7.98 -9.35
CA GLU B 180 -3.79 7.31 -8.25
C GLU B 180 -2.81 7.10 -7.11
N LEU B 181 -1.53 6.84 -7.44
CA LEU B 181 -0.50 6.68 -6.44
C LEU B 181 -0.25 8.02 -5.74
N ALA B 182 -0.14 9.09 -6.54
CA ALA B 182 0.12 10.44 -6.04
C ALA B 182 -0.79 10.82 -4.88
N ARG B 183 -2.09 10.52 -4.99
CA ARG B 183 -3.06 10.98 -4.01
C ARG B 183 -3.02 10.10 -2.76
N ARG B 184 -2.34 8.95 -2.86
CA ARG B 184 -2.33 7.98 -1.77
C ARG B 184 -0.99 7.95 -1.04
N LEU B 185 0.04 8.67 -1.53
CA LEU B 185 1.36 8.71 -0.91
C LEU B 185 1.24 9.08 0.57
N GLU B 186 0.27 9.96 0.86
CA GLU B 186 -0.09 10.36 2.21
C GLU B 186 -0.14 9.16 3.17
N PHE B 187 -0.39 7.95 2.62
CA PHE B 187 -0.65 6.77 3.43
C PHE B 187 0.37 5.66 3.18
N ILE B 188 1.63 6.01 2.88
CA ILE B 188 2.66 5.00 2.68
C ILE B 188 4.00 5.48 3.26
N GLY B 189 4.25 6.79 3.25
CA GLY B 189 5.48 7.33 3.80
C GLY B 189 6.66 7.16 2.86
N THR B 190 7.83 7.69 3.28
CA THR B 190 8.99 7.83 2.42
C THR B 190 9.38 6.46 1.85
N PRO B 191 9.74 6.40 0.55
CA PRO B 191 10.29 5.18 -0.05
C PRO B 191 11.81 5.00 -0.08
N TYR B 192 12.57 5.97 0.43
CA TYR B 192 14.00 6.01 0.14
C TYR B 192 14.74 4.84 0.77
N TRP B 193 14.23 4.32 1.90
CA TRP B 193 14.86 3.22 2.62
C TRP B 193 14.21 1.87 2.32
N MET B 194 13.15 1.87 1.50
CA MET B 194 12.41 0.65 1.21
C MET B 194 13.27 -0.29 0.35
N ALA B 195 13.27 -1.58 0.71
CA ALA B 195 13.90 -2.61 -0.09
C ALA B 195 13.03 -2.91 -1.32
N PRO B 196 13.63 -3.33 -2.45
CA PRO B 196 12.89 -3.56 -3.70
C PRO B 196 11.54 -4.25 -3.51
N GLU B 197 11.52 -5.36 -2.76
CA GLU B 197 10.31 -6.14 -2.60
C GLU B 197 9.22 -5.29 -1.93
N VAL B 198 9.63 -4.39 -1.02
CA VAL B 198 8.68 -3.53 -0.33
C VAL B 198 8.07 -2.57 -1.35
N ALA B 199 8.92 -2.01 -2.22
CA ALA B 199 8.49 -1.09 -3.26
C ALA B 199 7.57 -1.79 -4.25
N ALA B 200 7.93 -3.05 -4.59
CA ALA B 200 7.14 -3.82 -5.54
C ALA B 200 5.71 -3.96 -5.06
N VAL B 201 5.53 -4.27 -3.76
CA VAL B 201 4.22 -4.51 -3.17
C VAL B 201 3.43 -3.19 -3.08
N ALA B 202 4.11 -2.09 -2.79
CA ALA B 202 3.45 -0.79 -2.74
C ALA B 202 2.78 -0.50 -4.08
N LEU B 203 3.46 -0.88 -5.17
CA LEU B 203 2.98 -0.60 -6.51
C LEU B 203 2.24 -1.81 -7.10
N LYS B 204 1.44 -2.48 -6.27
CA LYS B 204 0.42 -3.42 -6.73
C LYS B 204 1.02 -4.70 -7.28
N GLY B 205 2.29 -4.98 -6.98
CA GLY B 205 2.93 -6.23 -7.39
C GLY B 205 2.55 -7.40 -6.47
N GLY B 206 3.00 -8.60 -6.84
CA GLY B 206 2.95 -9.77 -5.97
C GLY B 206 1.77 -10.71 -6.24
N TYR B 207 1.03 -10.51 -7.33
CA TYR B 207 -0.05 -11.42 -7.71
C TYR B 207 -0.28 -11.35 -9.22
N ASN B 208 -1.44 -11.85 -9.69
CA ASN B 208 -1.66 -12.07 -11.11
C ASN B 208 -3.07 -11.62 -11.53
N GLU B 209 -3.37 -11.80 -12.83
CA GLU B 209 -4.59 -11.31 -13.44
C GLU B 209 -5.81 -12.09 -12.95
N LEU B 210 -5.58 -13.30 -12.43
CA LEU B 210 -6.64 -14.17 -11.95
C LEU B 210 -7.39 -13.54 -10.78
N CYS B 211 -6.86 -12.47 -10.19
CA CYS B 211 -7.56 -11.77 -9.12
C CYS B 211 -8.84 -11.11 -9.65
N ASP B 212 -8.93 -10.88 -10.96
CA ASP B 212 -10.14 -10.31 -11.55
C ASP B 212 -11.26 -11.33 -11.56
N ILE B 213 -10.90 -12.61 -11.72
CA ILE B 213 -11.86 -13.70 -11.74
C ILE B 213 -12.57 -13.78 -10.38
N TRP B 214 -11.78 -13.76 -9.29
CA TRP B 214 -12.31 -13.70 -7.93
C TRP B 214 -13.26 -12.52 -7.79
N SER B 215 -12.79 -11.34 -8.23
CA SER B 215 -13.51 -10.09 -8.07
C SER B 215 -14.86 -10.17 -8.79
N LEU B 216 -14.89 -10.83 -9.95
CA LEU B 216 -16.15 -10.97 -10.69
C LEU B 216 -17.11 -11.85 -9.88
N GLY B 217 -16.57 -12.93 -9.27
CA GLY B 217 -17.35 -13.78 -8.39
C GLY B 217 -18.00 -13.00 -7.26
N ILE B 218 -17.21 -12.16 -6.58
CA ILE B 218 -17.76 -11.33 -5.52
C ILE B 218 -18.82 -10.41 -6.11
N THR B 219 -18.56 -9.90 -7.32
CA THR B 219 -19.46 -8.99 -8.00
C THR B 219 -20.80 -9.65 -8.28
N ALA B 220 -20.76 -10.93 -8.68
CA ALA B 220 -21.98 -11.66 -8.96
C ALA B 220 -22.87 -11.67 -7.72
N ILE B 221 -22.25 -11.90 -6.56
CA ILE B 221 -22.95 -11.93 -5.28
C ILE B 221 -23.43 -10.52 -4.94
N GLU B 222 -22.60 -9.52 -5.22
CA GLU B 222 -22.98 -8.13 -5.04
C GLU B 222 -24.28 -7.85 -5.79
N LEU B 223 -24.37 -8.33 -7.04
CA LEU B 223 -25.52 -8.05 -7.89
C LEU B 223 -26.75 -8.79 -7.36
N ALA B 224 -26.53 -9.97 -6.78
CA ALA B 224 -27.61 -10.79 -6.29
C ALA B 224 -28.15 -10.28 -4.96
N GLU B 225 -27.30 -9.69 -4.10
CA GLU B 225 -27.67 -9.41 -2.72
C GLU B 225 -27.59 -7.91 -2.37
N LEU B 226 -27.06 -7.08 -3.28
CA LEU B 226 -26.97 -5.63 -3.13
C LEU B 226 -25.77 -5.23 -2.26
N GLN B 227 -24.86 -6.18 -1.97
CA GLN B 227 -23.61 -5.83 -1.33
C GLN B 227 -22.63 -6.99 -1.47
N PRO B 228 -21.31 -6.74 -1.34
CA PRO B 228 -20.33 -7.82 -1.30
C PRO B 228 -20.45 -8.54 0.05
N PRO B 229 -19.94 -9.78 0.17
CA PRO B 229 -19.86 -10.43 1.48
C PRO B 229 -19.08 -9.55 2.45
N LEU B 230 -19.53 -9.54 3.71
CA LEU B 230 -18.78 -8.96 4.82
C LEU B 230 -18.87 -7.44 4.82
N PHE B 231 -19.84 -6.87 4.09
CA PHE B 231 -19.91 -5.42 3.90
C PHE B 231 -20.32 -4.73 5.19
N ASP B 232 -20.99 -5.46 6.08
CA ASP B 232 -21.40 -4.92 7.37
C ASP B 232 -20.28 -5.07 8.39
N VAL B 233 -19.12 -5.58 7.95
CA VAL B 233 -17.94 -5.71 8.80
C VAL B 233 -16.94 -4.63 8.41
N HIS B 234 -16.18 -4.14 9.39
CA HIS B 234 -15.20 -3.08 9.18
C HIS B 234 -14.10 -3.58 8.25
N PRO B 235 -13.68 -2.76 7.26
CA PRO B 235 -12.69 -3.19 6.25
C PRO B 235 -11.47 -3.93 6.77
N LEU B 236 -10.92 -3.46 7.89
CA LEU B 236 -9.70 -4.00 8.46
C LEU B 236 -9.95 -5.36 9.11
N ARG B 237 -11.12 -5.52 9.74
CA ARG B 237 -11.54 -6.82 10.24
C ARG B 237 -11.57 -7.83 9.10
N VAL B 238 -12.10 -7.41 7.95
CA VAL B 238 -12.31 -8.29 6.81
C VAL B 238 -10.96 -8.71 6.20
N LEU B 239 -9.97 -7.82 6.25
CA LEU B 239 -8.63 -8.12 5.73
C LEU B 239 -8.01 -9.25 6.55
N PHE B 240 -8.08 -9.13 7.88
CA PHE B 240 -7.53 -10.15 8.76
C PHE B 240 -8.23 -11.50 8.53
N LEU B 241 -9.57 -11.47 8.49
CA LEU B 241 -10.36 -12.67 8.29
C LEU B 241 -9.92 -13.35 7.00
N MET B 242 -9.74 -12.55 5.95
CA MET B 242 -9.37 -13.01 4.62
C MET B 242 -7.97 -13.62 4.61
N THR B 243 -7.09 -13.14 5.51
CA THR B 243 -5.73 -13.62 5.64
C THR B 243 -5.58 -14.57 6.83
N LYS B 244 -6.71 -15.08 7.36
CA LYS B 244 -6.69 -16.21 8.26
C LYS B 244 -6.54 -17.48 7.42
N SER B 245 -5.83 -18.47 7.97
CA SER B 245 -5.48 -19.66 7.24
C SER B 245 -6.72 -20.33 6.65
N GLY B 246 -7.66 -20.73 7.53
CA GLY B 246 -8.85 -21.46 7.12
C GLY B 246 -10.00 -20.54 6.71
N TYR B 247 -9.71 -19.47 5.97
CA TYR B 247 -10.74 -18.62 5.40
C TYR B 247 -11.55 -19.45 4.42
N GLN B 248 -12.87 -19.34 4.51
CA GLN B 248 -13.78 -20.06 3.64
C GLN B 248 -14.24 -19.14 2.51
N PRO B 249 -14.15 -19.56 1.23
CA PRO B 249 -14.71 -18.78 0.13
C PRO B 249 -16.18 -18.47 0.43
N PRO B 250 -16.65 -17.21 0.29
CA PRO B 250 -18.05 -16.90 0.55
C PRO B 250 -18.93 -17.55 -0.51
N ARG B 251 -20.24 -17.37 -0.37
CA ARG B 251 -21.20 -17.99 -1.26
C ARG B 251 -22.50 -17.22 -1.19
N LEU B 252 -23.47 -17.62 -2.03
CA LEU B 252 -24.80 -17.01 -2.00
C LEU B 252 -25.50 -17.39 -0.71
N LYS B 253 -26.27 -16.44 -0.16
CA LYS B 253 -26.87 -16.59 1.15
C LYS B 253 -28.07 -17.52 1.07
N GLU B 254 -29.02 -17.22 0.16
CA GLU B 254 -30.24 -17.99 0.01
C GLU B 254 -30.07 -19.06 -1.07
N LYS B 255 -29.85 -20.31 -0.67
CA LYS B 255 -29.45 -21.36 -1.59
C LYS B 255 -30.57 -21.74 -2.56
N GLY B 256 -31.79 -21.93 -2.04
CA GLY B 256 -32.92 -22.41 -2.82
C GLY B 256 -33.23 -21.52 -4.02
N LYS B 257 -32.92 -20.22 -3.89
CA LYS B 257 -33.28 -19.19 -4.85
C LYS B 257 -32.46 -19.28 -6.14
N TRP B 258 -31.29 -19.94 -6.09
CA TRP B 258 -30.35 -19.93 -7.20
C TRP B 258 -30.13 -21.35 -7.73
N SER B 259 -29.79 -21.44 -9.02
CA SER B 259 -29.53 -22.71 -9.68
C SER B 259 -28.20 -23.29 -9.19
N ALA B 260 -28.05 -24.60 -9.35
CA ALA B 260 -26.81 -25.30 -9.04
C ALA B 260 -25.67 -24.72 -9.88
N ALA B 261 -25.98 -24.36 -11.14
CA ALA B 261 -25.03 -23.78 -12.07
C ALA B 261 -24.40 -22.51 -11.50
N PHE B 262 -25.24 -21.66 -10.89
CA PHE B 262 -24.79 -20.38 -10.36
C PHE B 262 -23.90 -20.61 -9.14
N HIS B 263 -24.33 -21.51 -8.24
CA HIS B 263 -23.53 -21.85 -7.07
C HIS B 263 -22.15 -22.36 -7.50
N ASN B 264 -22.09 -23.12 -8.61
CA ASN B 264 -20.83 -23.66 -9.09
C ASN B 264 -19.98 -22.54 -9.69
N PHE B 265 -20.62 -21.59 -10.39
CA PHE B 265 -19.93 -20.41 -10.89
C PHE B 265 -19.24 -19.69 -9.72
N ILE B 266 -19.98 -19.51 -8.63
CA ILE B 266 -19.49 -18.84 -7.44
C ILE B 266 -18.35 -19.66 -6.84
N LYS B 267 -18.54 -20.97 -6.77
CA LYS B 267 -17.59 -21.87 -6.11
C LYS B 267 -16.25 -21.85 -6.82
N VAL B 268 -16.25 -21.93 -8.17
CA VAL B 268 -15.01 -22.07 -8.92
C VAL B 268 -14.31 -20.71 -9.05
N THR B 269 -15.09 -19.62 -9.20
CA THR B 269 -14.52 -18.29 -9.37
C THR B 269 -13.90 -17.81 -8.06
N LEU B 270 -14.50 -18.21 -6.92
CA LEU B 270 -13.92 -17.91 -5.62
C LEU B 270 -13.07 -19.09 -5.16
N THR B 271 -12.20 -19.58 -6.06
CA THR B 271 -11.15 -20.52 -5.70
C THR B 271 -10.06 -19.78 -4.94
N LYS B 272 -9.75 -20.26 -3.74
CA LYS B 272 -8.81 -19.60 -2.84
C LYS B 272 -7.45 -19.49 -3.53
N SER B 273 -6.84 -20.64 -3.89
CA SER B 273 -5.53 -20.63 -4.52
C SER B 273 -5.63 -20.07 -5.93
N PRO B 274 -4.83 -19.02 -6.26
CA PRO B 274 -4.79 -18.49 -7.63
C PRO B 274 -4.31 -19.50 -8.68
N LYS B 275 -3.43 -20.42 -8.26
CA LYS B 275 -2.85 -21.41 -9.15
C LYS B 275 -3.91 -22.39 -9.67
N LYS B 276 -5.09 -22.43 -9.01
CA LYS B 276 -6.17 -23.32 -9.38
C LYS B 276 -7.43 -22.55 -9.79
N ARG B 277 -7.40 -21.22 -9.68
CA ARG B 277 -8.51 -20.39 -10.15
C ARG B 277 -8.45 -20.29 -11.67
N PRO B 278 -9.50 -20.75 -12.39
CA PRO B 278 -9.50 -20.76 -13.86
C PRO B 278 -9.58 -19.39 -14.52
N SER B 279 -8.96 -19.28 -15.70
CA SER B 279 -8.80 -18.03 -16.42
C SER B 279 -10.14 -17.51 -16.92
N ALA B 280 -10.14 -16.32 -17.53
CA ALA B 280 -11.35 -15.76 -18.12
C ALA B 280 -11.84 -16.66 -19.24
N THR B 281 -10.95 -16.96 -20.20
CA THR B 281 -11.27 -17.79 -21.36
C THR B 281 -11.94 -19.08 -20.90
N LYS B 282 -11.25 -19.83 -20.01
CA LYS B 282 -11.78 -21.09 -19.49
C LYS B 282 -13.17 -20.88 -18.88
N MET B 283 -13.36 -19.77 -18.16
CA MET B 283 -14.60 -19.52 -17.45
C MET B 283 -15.77 -19.30 -18.41
N LEU B 284 -15.49 -18.87 -19.64
CA LEU B 284 -16.55 -18.56 -20.60
C LEU B 284 -17.22 -19.82 -21.13
N SER B 285 -16.63 -21.00 -20.87
CA SER B 285 -17.23 -22.25 -21.26
C SER B 285 -18.00 -22.88 -20.10
N HIS B 286 -18.12 -22.17 -18.97
CA HIS B 286 -18.86 -22.66 -17.82
C HIS B 286 -20.36 -22.54 -18.07
N GLN B 287 -21.13 -23.49 -17.52
CA GLN B 287 -22.56 -23.62 -17.75
C GLN B 287 -23.26 -22.26 -17.70
N LEU B 288 -23.08 -21.53 -16.60
CA LEU B 288 -23.89 -20.36 -16.30
C LEU B 288 -23.78 -19.32 -17.41
N VAL B 289 -22.59 -19.19 -18.01
CA VAL B 289 -22.30 -18.13 -18.97
C VAL B 289 -22.42 -18.65 -20.40
N SER B 290 -22.95 -19.87 -20.58
CA SER B 290 -23.06 -20.48 -21.89
C SER B 290 -24.51 -20.88 -22.20
N GLN B 291 -25.40 -20.80 -21.21
CA GLN B 291 -26.80 -21.10 -21.42
C GLN B 291 -27.34 -20.15 -22.49
N PRO B 292 -28.35 -20.57 -23.29
CA PRO B 292 -28.92 -19.69 -24.31
C PRO B 292 -29.88 -18.66 -23.70
N GLY B 293 -30.20 -17.63 -24.50
CA GLY B 293 -31.15 -16.61 -24.10
C GLY B 293 -30.47 -15.45 -23.36
N LEU B 294 -29.14 -15.43 -23.40
CA LEU B 294 -28.36 -14.36 -22.81
C LEU B 294 -28.11 -13.30 -23.86
N ASN B 295 -28.82 -12.17 -23.72
CA ASN B 295 -28.67 -11.03 -24.61
C ASN B 295 -29.13 -9.76 -23.89
N ARG B 296 -28.91 -8.62 -24.54
CA ARG B 296 -28.99 -7.31 -23.92
C ARG B 296 -30.44 -6.99 -23.54
N GLY B 297 -31.40 -7.71 -24.13
CA GLY B 297 -32.80 -7.61 -23.75
C GLY B 297 -33.00 -7.68 -22.25
N LEU B 298 -32.25 -8.59 -21.61
CA LEU B 298 -32.26 -8.73 -20.16
C LEU B 298 -31.96 -7.39 -19.48
N ILE B 299 -30.94 -6.68 -19.99
CA ILE B 299 -30.53 -5.40 -19.40
C ILE B 299 -31.47 -4.29 -19.82
N LEU B 300 -32.09 -4.43 -21.00
CA LEU B 300 -33.08 -3.46 -21.45
C LEU B 300 -34.32 -3.56 -20.57
N ASP B 301 -34.64 -4.78 -20.12
CA ASP B 301 -35.73 -4.98 -19.18
C ASP B 301 -35.36 -4.36 -17.84
N LEU B 302 -34.08 -4.50 -17.45
CA LEU B 302 -33.59 -3.90 -16.22
C LEU B 302 -33.65 -2.37 -16.30
N LEU B 303 -33.22 -1.82 -17.45
CA LEU B 303 -33.23 -0.39 -17.70
C LEU B 303 -34.65 0.17 -17.76
N ASP B 304 -35.62 -0.66 -18.15
CA ASP B 304 -37.03 -0.29 -18.07
C ASP B 304 -37.44 -0.18 -16.61
N LYS B 305 -37.04 -1.17 -15.82
CA LYS B 305 -37.39 -1.22 -14.40
C LYS B 305 -36.81 0.00 -13.68
N LEU B 306 -35.60 0.40 -14.07
CA LEU B 306 -34.96 1.58 -13.51
C LEU B 306 -35.83 2.81 -13.75
N LYS B 307 -36.34 2.93 -14.98
CA LYS B 307 -37.07 4.12 -15.40
C LYS B 307 -38.48 4.11 -14.79
N ASN B 308 -39.22 3.03 -15.03
CA ASN B 308 -40.65 3.00 -14.74
C ASN B 308 -40.89 2.41 -13.35
N GLY B 309 -40.48 1.15 -13.17
CA GLY B 309 -40.69 0.44 -11.91
C GLY B 309 -40.94 -1.04 -12.13
C1 EDO C . 18.02 14.15 5.10
O1 EDO C . 17.94 14.79 6.37
C2 EDO C . 18.17 12.68 5.21
O2 EDO C . 17.29 12.09 6.15
C1 EDO D . 22.45 21.36 20.02
O1 EDO D . 22.70 22.59 19.39
C2 EDO D . 23.64 20.48 20.03
O2 EDO D . 24.84 21.19 20.32
N1 A1BWL E . 14.33 9.83 23.12
C4 A1BWL E . 12.75 8.91 21.03
C5 A1BWL E . 12.94 8.15 22.17
C6 A1BWL E . 13.74 8.65 23.22
C7 A1BWL E . 11.95 8.44 19.98
C8 A1BWL E . 11.32 7.17 20.07
C10 A1BWL E . 12.30 6.89 22.27
C15 A1BWL E . 15.20 15.36 20.98
C20 A1BWL E . 10.93 6.33 17.70
C21 A1BWL E . 9.99 5.85 16.72
C22 A1BWL E . 8.61 5.75 17.09
C24 A1BWL E . 9.04 6.54 19.28
C26 A1BWL E . 14.91 17.25 22.46
C25 A1BWL E . 12.47 6.46 17.38
C19 A1BWL E . 10.47 6.68 19.00
N23 A1BWL E . 8.18 6.10 18.37
N28 A1BWL E . 10.35 5.46 15.42
C29 A1BWL E . 9.38 5.28 14.44
C30 A1BWL E . 8.14 4.61 14.96
O31 A1BWL E . 7.59 5.26 16.13
C3 A1BWL E . 13.40 10.16 20.96
C2 A1BWL E . 14.18 10.59 22.04
C9 A1BWL E . 11.48 6.42 21.22
F17 A1BWL E . 10.88 5.15 21.37
N18 A1BWL E . 12.49 6.10 23.47
N11 A1BWL E . 14.90 11.86 22.08
C12 A1BWL E . 14.70 12.95 21.17
O14 A1BWL E . 13.92 12.89 20.20
O13 A1BWL E . 15.53 14.15 21.51
C34 A1BWL E . 15.74 15.40 19.47
C33 A1BWL E . 17.01 16.33 19.56
C32 A1BWL E . 16.65 17.24 20.51
C16 A1BWL E . 15.87 16.36 21.68
N27 A1BWL E . 14.19 17.87 23.07
NA NA F . 19.25 6.75 28.93
C1 EDO G . -10.55 2.96 -22.24
O1 EDO G . -10.24 3.52 -23.51
C2 EDO G . -12.00 2.79 -22.03
O2 EDO G . -12.48 3.59 -20.98
C1 EDO H . -26.26 5.08 -26.21
O1 EDO H . -26.20 3.67 -26.31
C2 EDO H . -25.88 5.60 -24.86
O2 EDO H . -24.49 5.64 -24.65
N1 A1BWL I . -20.93 7.06 -17.85
C4 A1BWL I . -18.81 6.72 -16.12
C5 A1BWL I . -18.66 6.53 -17.48
C6 A1BWL I . -19.77 6.70 -18.33
C7 A1BWL I . -17.71 6.56 -15.26
C8 A1BWL I . -16.44 6.18 -15.79
C10 A1BWL I . -17.39 6.15 -18.01
C15 A1BWL I . -24.94 8.95 -13.73
C20 A1BWL I . -15.18 4.82 -14.10
C21 A1BWL I . -14.03 4.65 -13.27
C22 A1BWL I . -13.02 5.66 -13.30
C24 A1BWL I . -14.20 6.94 -14.90
C26 A1BWL I . -26.09 10.99 -14.41
C25 A1BWL I . -16.33 3.74 -14.13
C19 A1BWL I . -15.29 5.98 -14.93
N23 A1BWL I . -13.15 6.77 -14.12
N28 A1BWL I . -13.84 3.53 -12.42
C29 A1BWL I . -12.89 3.60 -11.41
C30 A1BWL I . -11.61 4.21 -11.91
O31 A1BWL I . -11.80 5.54 -12.46
C3 A1BWL I . -20.08 7.09 -15.65
C2 A1BWL I . -21.16 7.27 -16.54
C9 A1BWL I . -16.28 5.98 -17.14
F17 A1BWL I . -15.04 5.60 -17.69
N18 A1BWL I . -17.16 5.92 -19.42
N11 A1BWL I . -22.52 7.65 -16.17
C12 A1BWL I . -22.96 7.93 -14.82
O14 A1BWL I . -22.14 8.12 -13.90
O13 A1BWL I . -24.46 7.97 -14.57
C34 A1BWL I . -25.28 8.27 -12.32
C33 A1BWL I . -26.87 8.05 -12.38
C32 A1BWL I . -27.32 9.13 -13.10
C16 A1BWL I . -26.13 9.47 -14.21
N27 A1BWL I . -26.05 12.10 -14.61
NA NA J . -23.36 -14.09 0.46
#